data_9VUZ
#
_entry.id   9VUZ
#
_cell.length_a   90.894
_cell.length_b   90.894
_cell.length_c   165.732
_cell.angle_alpha   90.000
_cell.angle_beta   90.000
_cell.angle_gamma   120.000
#
_symmetry.space_group_name_H-M   'P 62 2 2'
#
_entity_poly.entity_id   1
_entity_poly.type   'polypeptide(L)'
_entity_poly.pdbx_seq_one_letter_code
;EIVLTQSPGTLSLSPGERATLSCRASGSTFSSYTLAWYQQKPGQAPRLLIYIYSDGGRTSRATGIPDRFSGSGSGTDLTL
TISRLEPEDFAVYYCNAESPFYDYDYWGKGTKVEIK
;
_entity_poly.pdbx_strand_id   A,B
#
# COMPACT_ATOMS: atom_id res chain seq x y z
N GLU A 1 4.43 -1.06 -22.97
CA GLU A 1 3.48 -1.72 -22.06
C GLU A 1 3.49 -1.13 -20.64
N ILE A 2 2.47 -1.47 -19.86
CA ILE A 2 2.34 -1.11 -18.45
C ILE A 2 2.07 -2.39 -17.67
N VAL A 3 2.65 -2.48 -16.48
CA VAL A 3 2.32 -3.55 -15.54
C VAL A 3 1.56 -2.95 -14.38
N LEU A 4 0.48 -3.62 -14.00
CA LEU A 4 -0.24 -3.32 -12.78
C LEU A 4 0.01 -4.44 -11.79
N THR A 5 0.24 -4.07 -10.55
CA THR A 5 0.44 -5.07 -9.51
C THR A 5 -0.48 -4.74 -8.37
N GLN A 6 -1.44 -5.63 -8.14
CA GLN A 6 -2.35 -5.50 -7.03
C GLN A 6 -1.67 -6.10 -5.83
N SER A 7 -1.85 -5.48 -4.69
CA SER A 7 -1.27 -6.08 -3.57
C SER A 7 -2.20 -5.72 -2.43
N PRO A 8 -2.62 -6.68 -1.60
CA PRO A 8 -2.22 -8.10 -1.58
C PRO A 8 -2.90 -9.04 -2.60
N GLY A 9 -2.40 -10.27 -2.73
CA GLY A 9 -3.04 -11.25 -3.61
C GLY A 9 -4.41 -11.71 -3.12
N THR A 10 -4.54 -12.03 -1.84
CA THR A 10 -5.81 -12.48 -1.26
C THR A 10 -6.07 -11.60 -0.04
N LEU A 11 -7.10 -11.88 0.75
CA LEU A 11 -7.33 -11.10 1.99
C LEU A 11 -8.33 -12.06 2.59
N SER A 12 -8.15 -12.40 3.86
CA SER A 12 -9.12 -13.23 4.55
C SER A 12 -9.31 -12.28 5.72
N LEU A 13 -10.47 -11.64 5.77
CA LEU A 13 -10.77 -10.71 6.83
C LEU A 13 -12.14 -11.14 7.34
N SER A 14 -12.84 -10.24 8.03
CA SER A 14 -14.13 -10.60 8.60
C SER A 14 -14.89 -9.32 8.87
N PRO A 15 -16.23 -9.39 9.00
CA PRO A 15 -17.03 -8.16 9.01
C PRO A 15 -16.50 -7.15 10.01
N GLY A 16 -16.53 -5.88 9.60
CA GLY A 16 -16.12 -4.77 10.42
C GLY A 16 -14.68 -4.34 10.26
N GLU A 17 -13.82 -5.29 9.92
CA GLU A 17 -12.37 -5.00 9.80
C GLU A 17 -12.08 -4.02 8.65
N ARG A 18 -10.85 -3.49 8.58
CA ARG A 18 -10.47 -2.60 7.48
C ARG A 18 -9.70 -3.36 6.40
N ALA A 19 -9.88 -2.92 5.16
CA ALA A 19 -9.18 -3.51 4.02
C ALA A 19 -8.54 -2.40 3.19
N THR A 20 -7.27 -2.59 2.87
CA THR A 20 -6.52 -1.59 2.12
C THR A 20 -5.80 -2.29 0.96
N LEU A 21 -6.23 -1.98 -0.26
CA LEU A 21 -5.65 -2.58 -1.45
C LEU A 21 -4.97 -1.50 -2.27
N SER A 22 -3.98 -1.92 -3.04
CA SER A 22 -3.13 -0.95 -3.69
C SER A 22 -2.68 -1.46 -5.05
N CYS A 23 -2.75 -0.58 -6.03
CA CYS A 23 -2.42 -0.91 -7.41
C CYS A 23 -1.19 -0.10 -7.81
N ARG A 24 -0.20 -0.79 -8.38
CA ARG A 24 1.07 -0.22 -8.77
C ARG A 24 1.22 -0.24 -10.27
N ALA A 25 1.54 0.92 -10.85
CA ALA A 25 1.81 1.00 -12.28
C ALA A 25 3.32 1.10 -12.50
N SER A 26 3.75 0.53 -13.62
CA SER A 26 5.19 0.46 -13.93
C SER A 26 5.34 0.15 -15.42
N GLY A 27 6.35 0.72 -16.08
CA GLY A 27 6.61 0.39 -17.49
C GLY A 27 6.58 1.63 -18.33
N SER A 28 5.39 2.10 -18.68
CA SER A 28 5.26 3.38 -19.40
C SER A 28 4.27 4.23 -18.61
N THR A 29 4.58 4.50 -17.34
CA THR A 29 3.64 5.20 -16.43
C THR A 29 3.54 6.68 -16.78
N PHE A 30 4.37 7.17 -17.69
CA PHE A 30 4.37 8.55 -18.16
C PHE A 30 3.59 8.76 -19.46
N SER A 31 2.54 7.95 -19.66
CA SER A 31 1.59 8.19 -20.78
C SER A 31 0.34 8.72 -20.10
N SER A 32 -0.79 8.75 -20.80
CA SER A 32 -2.02 9.06 -20.10
C SER A 32 -2.83 7.79 -19.97
N TYR A 33 -3.32 7.53 -18.78
CA TYR A 33 -4.23 6.44 -18.54
C TYR A 33 -5.11 6.89 -17.39
N THR A 34 -6.11 6.08 -17.08
CA THR A 34 -6.93 6.26 -15.90
C THR A 34 -6.76 5.01 -15.06
N LEU A 35 -6.41 5.20 -13.82
CA LEU A 35 -6.21 4.10 -12.92
C LEU A 35 -7.49 3.96 -12.11
N ALA A 36 -8.13 2.81 -12.21
CA ALA A 36 -9.45 2.64 -11.64
C ALA A 36 -9.46 1.43 -10.73
N TRP A 37 -10.26 1.51 -9.66
CA TRP A 37 -10.61 0.32 -8.88
C TRP A 37 -12.05 -0.10 -9.21
N TYR A 38 -12.21 -1.38 -9.56
CA TYR A 38 -13.49 -2.01 -9.83
C TYR A 38 -13.77 -3.07 -8.79
N GLN A 39 -15.01 -3.19 -8.40
CA GLN A 39 -15.47 -4.28 -7.54
C GLN A 39 -16.25 -5.27 -8.37
N GLN A 40 -16.15 -6.57 -8.07
CA GLN A 40 -16.96 -7.51 -8.83
C GLN A 40 -17.63 -8.53 -7.93
N LYS A 41 -18.84 -8.21 -7.50
CA LYS A 41 -19.55 -9.21 -6.74
C LYS A 41 -19.82 -10.44 -7.60
N PRO A 42 -19.75 -11.64 -7.02
CA PRO A 42 -19.86 -12.85 -7.84
C PRO A 42 -21.17 -12.91 -8.60
N GLY A 43 -21.09 -13.43 -9.83
CA GLY A 43 -22.20 -13.44 -10.74
C GLY A 43 -22.63 -12.09 -11.26
N GLN A 44 -21.87 -11.03 -10.99
CA GLN A 44 -22.26 -9.68 -11.40
C GLN A 44 -21.13 -9.03 -12.20
N ALA A 45 -21.50 -7.95 -12.90
CA ALA A 45 -20.64 -7.13 -13.73
C ALA A 45 -19.78 -6.24 -12.88
N PRO A 46 -18.58 -5.92 -13.34
CA PRO A 46 -17.71 -5.02 -12.58
C PRO A 46 -18.38 -3.69 -12.29
N ARG A 47 -17.85 -3.00 -11.29
CA ARG A 47 -18.40 -1.74 -10.80
C ARG A 47 -17.25 -0.78 -10.58
N LEU A 48 -17.31 0.38 -11.22
CA LEU A 48 -16.32 1.40 -10.97
C LEU A 48 -16.50 1.99 -9.59
N LEU A 49 -15.43 2.01 -8.82
CA LEU A 49 -15.42 2.63 -7.49
C LEU A 49 -14.67 3.97 -7.54
N ILE A 50 -13.36 3.92 -7.69
CA ILE A 50 -12.59 5.13 -7.69
C ILE A 50 -11.68 5.12 -8.92
N TYR A 51 -11.14 6.29 -9.24
CA TYR A 51 -10.28 6.44 -10.39
C TYR A 51 -9.54 7.75 -10.26
N ILE A 52 -8.47 7.87 -11.04
CA ILE A 52 -7.60 9.02 -10.98
C ILE A 52 -6.91 9.14 -12.34
N TYR A 53 -6.61 10.37 -12.74
CA TYR A 53 -5.98 10.59 -14.03
C TYR A 53 -4.47 10.43 -13.92
N SER A 54 -3.89 9.69 -14.88
CA SER A 54 -2.48 9.31 -14.82
C SER A 54 -1.55 10.48 -14.66
N ASP A 55 -1.93 11.61 -15.25
CA ASP A 55 -1.03 12.78 -15.30
C ASP A 55 -1.72 14.00 -14.74
N GLY A 56 -2.94 13.82 -14.21
CA GLY A 56 -3.77 14.99 -13.87
C GLY A 56 -4.20 15.30 -12.45
N GLY A 57 -3.85 14.50 -11.44
CA GLY A 57 -4.12 15.00 -10.07
C GLY A 57 -5.02 15.47 -8.95
N ARG A 58 -6.19 14.84 -8.78
CA ARG A 58 -7.03 14.31 -7.68
C ARG A 58 -7.83 13.06 -8.04
N THR A 59 -8.19 12.26 -7.03
CA THR A 59 -8.96 11.01 -7.23
C THR A 59 -10.44 11.31 -7.22
N SER A 60 -11.24 10.45 -7.86
CA SER A 60 -12.68 10.64 -7.74
C SER A 60 -13.37 9.32 -7.43
N ARG A 61 -14.52 9.43 -6.78
CA ARG A 61 -15.40 8.31 -6.54
C ARG A 61 -16.46 8.31 -7.63
N ALA A 62 -16.99 7.13 -7.95
CA ALA A 62 -18.06 7.08 -8.93
C ALA A 62 -19.36 7.57 -8.32
N THR A 63 -20.34 7.78 -9.18
CA THR A 63 -21.70 7.99 -8.70
C THR A 63 -22.10 6.84 -7.77
N GLY A 64 -23.09 7.09 -6.90
CA GLY A 64 -23.71 6.02 -6.11
C GLY A 64 -22.77 5.09 -5.36
N ILE A 65 -21.91 5.64 -4.54
CA ILE A 65 -20.94 4.87 -3.76
C ILE A 65 -21.15 5.21 -2.28
N PRO A 66 -21.19 4.23 -1.39
CA PRO A 66 -21.03 4.53 0.04
C PRO A 66 -19.68 5.16 0.35
N ASP A 67 -19.65 5.85 1.48
CA ASP A 67 -18.45 6.48 1.99
C ASP A 67 -17.34 5.48 2.32
N ARG A 68 -17.68 4.20 2.55
CA ARG A 68 -16.66 3.25 3.01
C ARG A 68 -15.53 3.08 2.02
N PHE A 69 -15.60 3.72 0.85
CA PHE A 69 -14.62 3.54 -0.20
C PHE A 69 -13.83 4.83 -0.39
N SER A 70 -12.51 4.69 -0.40
CA SER A 70 -11.67 5.86 -0.51
C SER A 70 -10.47 5.54 -1.38
N GLY A 71 -9.90 6.59 -1.95
CA GLY A 71 -8.77 6.46 -2.81
C GLY A 71 -7.74 7.53 -2.48
N SER A 72 -6.51 7.09 -2.70
CA SER A 72 -5.37 7.94 -2.30
C SER A 72 -4.17 7.55 -3.13
N GLY A 73 -3.55 8.54 -3.73
CA GLY A 73 -2.38 8.33 -4.56
C GLY A 73 -2.27 9.39 -5.64
N SER A 74 -1.25 9.22 -6.47
CA SER A 74 -1.01 10.17 -7.53
C SER A 74 -1.46 9.63 -8.87
N GLY A 75 -1.63 8.32 -8.99
CA GLY A 75 -1.96 7.74 -10.26
C GLY A 75 -0.85 6.95 -10.88
N THR A 76 0.22 6.68 -10.17
CA THR A 76 0.92 5.45 -10.46
C THR A 76 0.76 4.50 -9.29
N ASP A 77 0.08 4.98 -8.22
CA ASP A 77 -0.23 4.18 -7.04
C ASP A 77 -1.60 4.58 -6.47
N LEU A 78 -2.67 3.97 -7.00
CA LEU A 78 -3.95 3.95 -6.30
C LEU A 78 -4.02 2.94 -5.18
N THR A 79 -4.61 3.41 -4.08
CA THR A 79 -5.00 2.64 -2.91
C THR A 79 -6.49 2.78 -2.70
N LEU A 80 -7.18 1.66 -2.87
CA LEU A 80 -8.56 1.56 -2.47
C LEU A 80 -8.56 1.12 -1.02
N THR A 81 -9.32 1.83 -0.21
CA THR A 81 -9.46 1.53 1.20
C THR A 81 -10.96 1.44 1.49
N ILE A 82 -11.41 0.23 1.81
CA ILE A 82 -12.69 0.05 2.46
C ILE A 82 -12.38 -0.03 3.93
N SER A 83 -12.97 0.88 4.71
CA SER A 83 -12.65 1.11 6.11
C SER A 83 -13.20 0.05 7.03
N ARG A 84 -14.43 -0.36 6.74
CA ARG A 84 -15.17 -1.26 7.62
C ARG A 84 -16.00 -2.18 6.76
N LEU A 85 -15.56 -3.41 6.58
CA LEU A 85 -16.19 -4.37 5.68
C LEU A 85 -17.64 -4.54 6.05
N GLU A 86 -18.55 -4.19 5.14
CA GLU A 86 -19.90 -4.68 5.33
C GLU A 86 -19.97 -6.06 4.66
N PRO A 87 -20.97 -6.91 5.04
CA PRO A 87 -21.11 -8.22 4.38
C PRO A 87 -20.95 -8.26 2.86
N GLU A 88 -21.71 -7.48 2.09
CA GLU A 88 -21.61 -7.68 0.65
C GLU A 88 -20.30 -7.15 0.08
N ASP A 89 -19.50 -6.43 0.87
CA ASP A 89 -18.26 -5.97 0.27
C ASP A 89 -17.28 -7.08 0.04
N PHE A 90 -17.57 -8.29 0.49
CA PHE A 90 -16.70 -9.44 0.24
C PHE A 90 -16.88 -9.87 -1.20
N ALA A 91 -15.89 -9.54 -2.02
CA ALA A 91 -15.96 -9.61 -3.48
C ALA A 91 -14.54 -9.69 -4.00
N VAL A 92 -14.41 -9.62 -5.33
CA VAL A 92 -13.11 -9.54 -5.98
C VAL A 92 -12.94 -8.15 -6.56
N TYR A 93 -11.74 -7.60 -6.41
CA TYR A 93 -11.44 -6.20 -6.65
C TYR A 93 -10.31 -6.10 -7.65
N TYR A 94 -10.51 -5.27 -8.67
CA TYR A 94 -9.57 -5.18 -9.78
C TYR A 94 -9.21 -3.73 -10.05
N CYS A 95 -8.00 -3.52 -10.54
CA CYS A 95 -7.62 -2.20 -11.03
C CYS A 95 -7.24 -2.31 -12.49
N ASN A 96 -7.60 -1.27 -13.25
CA ASN A 96 -7.07 -1.21 -14.60
C ASN A 96 -6.61 0.20 -14.89
N ALA A 97 -5.72 0.26 -15.86
CA ALA A 97 -5.31 1.50 -16.49
C ALA A 97 -5.88 1.48 -17.88
N GLU A 98 -6.41 2.61 -18.32
CA GLU A 98 -6.99 2.65 -19.64
C GLU A 98 -6.65 3.95 -20.32
N SER A 99 -6.04 3.86 -21.48
CA SER A 99 -5.87 5.01 -22.35
C SER A 99 -7.20 5.67 -22.64
N PRO A 100 -7.28 6.99 -22.55
CA PRO A 100 -8.53 7.65 -22.97
C PRO A 100 -8.93 7.32 -24.38
N PHE A 101 -7.98 7.02 -25.26
CA PHE A 101 -8.26 6.60 -26.63
C PHE A 101 -8.45 5.09 -26.78
N TYR A 102 -8.23 4.30 -25.74
CA TYR A 102 -8.50 2.87 -25.74
C TYR A 102 -7.50 2.04 -26.53
N ASP A 103 -6.43 2.67 -27.00
CA ASP A 103 -5.33 1.92 -27.58
C ASP A 103 -4.53 1.12 -26.56
N TYR A 104 -4.77 1.29 -25.27
CA TYR A 104 -4.30 0.28 -24.33
C TYR A 104 -5.22 0.21 -23.10
N ASP A 105 -5.48 -1.02 -22.65
CA ASP A 105 -6.36 -1.30 -21.51
C ASP A 105 -5.75 -2.48 -20.78
N TYR A 106 -5.22 -2.26 -19.58
CA TYR A 106 -4.49 -3.28 -18.84
C TYR A 106 -5.20 -3.50 -17.53
N TRP A 107 -5.41 -4.75 -17.17
CA TRP A 107 -6.11 -5.11 -15.94
C TRP A 107 -5.17 -5.83 -14.97
N GLY A 108 -5.36 -5.61 -13.69
CA GLY A 108 -4.65 -6.42 -12.72
C GLY A 108 -5.03 -7.91 -12.81
N LYS A 109 -4.46 -8.68 -11.88
CA LYS A 109 -4.81 -10.10 -11.80
C LYS A 109 -5.91 -10.36 -10.78
N GLY A 110 -6.21 -9.40 -9.93
CA GLY A 110 -7.34 -9.60 -9.06
C GLY A 110 -6.87 -9.65 -7.63
N THR A 111 -7.72 -9.19 -6.72
CA THR A 111 -7.48 -9.28 -5.30
C THR A 111 -8.75 -9.81 -4.68
N LYS A 112 -8.71 -11.07 -4.25
CA LYS A 112 -9.87 -11.70 -3.65
C LYS A 112 -9.99 -11.35 -2.18
N VAL A 113 -11.15 -10.86 -1.76
CA VAL A 113 -11.36 -10.38 -0.39
C VAL A 113 -12.57 -11.10 0.18
N GLU A 114 -12.31 -12.12 0.99
CA GLU A 114 -13.24 -13.08 1.53
C GLU A 114 -13.21 -13.04 3.05
N ILE A 115 -13.97 -13.94 3.67
CA ILE A 115 -13.91 -14.10 5.12
C ILE A 115 -12.99 -15.27 5.48
N GLU B 1 -6.70 -10.03 13.95
CA GLU B 1 -5.52 -10.19 13.10
C GLU B 1 -5.32 -9.04 12.12
N ILE B 2 -4.07 -8.81 11.75
CA ILE B 2 -3.63 -7.64 10.99
C ILE B 2 -2.75 -8.08 9.85
N VAL B 3 -3.05 -7.57 8.66
CA VAL B 3 -2.40 -7.99 7.46
C VAL B 3 -1.61 -6.81 6.95
N LEU B 4 -0.31 -7.02 6.82
CA LEU B 4 0.64 -5.99 6.44
C LEU B 4 0.99 -6.16 4.99
N THR B 5 0.73 -5.14 4.21
CA THR B 5 1.07 -5.16 2.80
C THR B 5 2.22 -4.19 2.58
N GLN B 6 3.39 -4.74 2.26
CA GLN B 6 4.57 -3.96 1.89
C GLN B 6 4.60 -3.74 0.38
N SER B 7 5.20 -2.62 -0.02
CA SER B 7 5.02 -2.14 -1.38
C SER B 7 6.19 -1.28 -1.85
N PRO B 8 6.96 -1.73 -2.87
CA PRO B 8 6.75 -2.99 -3.58
C PRO B 8 7.50 -4.21 -3.00
N GLY B 9 7.55 -5.28 -3.80
CA GLY B 9 8.11 -6.56 -3.40
C GLY B 9 9.60 -6.75 -3.63
N THR B 10 10.07 -6.38 -4.82
CA THR B 10 11.49 -6.19 -5.07
C THR B 10 11.69 -4.73 -5.48
N LEU B 11 12.90 -4.23 -5.24
CA LEU B 11 13.34 -2.94 -5.76
C LEU B 11 14.81 -3.10 -6.10
N SER B 12 15.19 -2.73 -7.32
CA SER B 12 16.59 -2.63 -7.71
C SER B 12 16.82 -1.19 -8.15
N LEU B 13 17.73 -0.51 -7.47
CA LEU B 13 18.04 0.89 -7.75
C LEU B 13 19.54 1.08 -7.76
N SER B 14 19.95 2.34 -7.75
CA SER B 14 21.34 2.75 -7.80
C SER B 14 21.54 3.88 -6.79
N PRO B 15 22.68 3.92 -6.09
CA PRO B 15 22.88 4.97 -5.07
C PRO B 15 22.73 6.37 -5.66
N GLY B 16 22.15 7.28 -4.85
CA GLY B 16 21.79 8.61 -5.29
C GLY B 16 20.34 8.75 -5.72
N GLU B 17 19.70 7.63 -6.06
CA GLU B 17 18.29 7.56 -6.41
C GLU B 17 17.45 7.48 -5.13
N ARG B 18 16.13 7.52 -5.31
CA ARG B 18 15.20 7.54 -4.20
C ARG B 18 14.37 6.27 -4.20
N ALA B 19 14.00 5.80 -3.00
CA ALA B 19 13.17 4.62 -2.79
C ALA B 19 12.01 4.97 -1.87
N THR B 20 10.77 4.58 -2.27
CA THR B 20 9.55 4.89 -1.50
C THR B 20 8.73 3.60 -1.26
N LEU B 21 9.11 2.87 -0.20
CA LEU B 21 8.28 1.79 0.32
C LEU B 21 7.07 2.37 1.06
N SER B 22 5.93 1.69 0.93
CA SER B 22 4.73 2.04 1.68
C SER B 22 4.10 0.79 2.28
N CYS B 23 3.94 0.78 3.61
CA CYS B 23 3.40 -0.35 4.36
C CYS B 23 1.90 -0.18 4.59
N ARG B 24 1.17 -1.29 4.47
CA ARG B 24 -0.29 -1.26 4.38
C ARG B 24 -0.92 -2.22 5.38
N ALA B 25 -1.76 -1.66 6.24
CA ALA B 25 -2.40 -2.40 7.30
C ALA B 25 -3.86 -2.59 6.94
N SER B 26 -4.30 -3.83 7.13
CA SER B 26 -5.71 -4.16 6.86
C SER B 26 -6.09 -5.20 7.89
N GLY B 27 -7.25 -5.04 8.48
CA GLY B 27 -7.69 -5.94 9.55
C GLY B 27 -7.36 -5.23 10.84
N SER B 28 -8.36 -4.86 11.62
CA SER B 28 -8.08 -4.26 12.95
C SER B 28 -7.06 -3.11 12.88
N THR B 29 -7.03 -2.29 11.82
CA THR B 29 -6.17 -1.08 11.84
C THR B 29 -6.67 -0.33 13.05
N PHE B 30 -7.85 -0.71 13.49
CA PHE B 30 -8.56 -0.15 14.67
C PHE B 30 -8.23 -0.90 15.96
N SER B 31 -6.95 -1.25 16.17
CA SER B 31 -6.49 -1.83 17.45
C SER B 31 -5.24 -1.03 17.80
N SER B 32 -5.01 -0.83 19.09
CA SER B 32 -3.87 0.02 19.48
C SER B 32 -2.58 -0.67 19.04
N TYR B 33 -1.74 -0.02 18.22
CA TYR B 33 -0.50 -0.67 17.70
C TYR B 33 0.57 0.34 17.24
N THR B 34 1.81 -0.13 17.07
CA THR B 34 2.89 0.71 16.59
C THR B 34 3.27 0.23 15.22
N LEU B 35 2.92 1.00 14.22
CA LEU B 35 3.34 0.69 12.87
C LEU B 35 4.77 1.20 12.78
N ALA B 36 5.72 0.27 12.63
CA ALA B 36 7.14 0.56 12.76
C ALA B 36 7.90 0.02 11.56
N TRP B 37 8.90 0.79 11.12
CA TRP B 37 9.81 0.37 10.07
C TRP B 37 11.19 -0.03 10.65
N TYR B 38 11.72 -1.16 10.17
CA TYR B 38 12.97 -1.74 10.63
C TYR B 38 13.88 -2.02 9.43
N GLN B 39 15.15 -1.60 9.52
CA GLN B 39 16.14 -1.83 8.46
C GLN B 39 17.07 -2.98 8.83
N GLN B 40 17.47 -3.76 7.83
CA GLN B 40 18.34 -4.91 8.03
C GLN B 40 19.40 -4.96 6.95
N LYS B 41 20.56 -4.37 7.22
CA LYS B 41 21.73 -4.62 6.39
C LYS B 41 22.20 -6.07 6.60
N PRO B 42 22.97 -6.64 5.67
CA PRO B 42 23.16 -8.10 5.68
C PRO B 42 23.99 -8.59 6.87
N GLY B 43 23.61 -9.78 7.36
CA GLY B 43 24.21 -10.37 8.54
C GLY B 43 23.86 -9.68 9.84
N GLN B 44 23.23 -8.52 9.76
CA GLN B 44 22.99 -7.66 10.92
C GLN B 44 21.62 -7.97 11.53
N ALA B 45 21.20 -7.17 12.51
CA ALA B 45 19.90 -7.34 13.16
C ALA B 45 18.95 -6.23 12.73
N PRO B 46 17.70 -6.22 13.18
CA PRO B 46 16.80 -5.15 12.74
C PRO B 46 17.12 -3.82 13.39
N ARG B 47 17.12 -2.78 12.55
CA ARG B 47 17.40 -1.41 12.97
C ARG B 47 16.15 -0.57 12.75
N LEU B 48 15.45 -0.29 13.86
CA LEU B 48 14.34 0.65 13.86
C LEU B 48 14.74 1.97 13.22
N LEU B 49 13.76 2.64 12.66
CA LEU B 49 14.01 3.78 11.81
C LEU B 49 13.05 4.85 12.28
N ILE B 50 11.77 4.54 12.09
CA ILE B 50 10.63 5.40 12.37
C ILE B 50 9.44 4.51 12.73
N TYR B 51 8.38 5.13 13.23
CA TYR B 51 7.21 4.46 13.77
C TYR B 51 6.14 5.51 14.04
N ILE B 52 4.89 5.07 14.17
CA ILE B 52 3.78 5.95 14.53
C ILE B 52 2.78 5.15 15.33
N TYR B 53 1.97 5.85 16.10
CA TYR B 53 1.01 5.16 16.93
C TYR B 53 -0.20 4.92 16.06
N SER B 54 -0.87 3.80 16.26
CA SER B 54 -1.96 3.50 15.34
C SER B 54 -3.10 4.49 15.46
N ASP B 55 -3.10 5.17 16.61
CA ASP B 55 -4.19 6.10 16.95
C ASP B 55 -3.63 7.32 17.66
N GLY B 56 -3.09 8.27 16.92
CA GLY B 56 -2.64 9.51 17.57
C GLY B 56 -1.17 9.80 17.40
N GLY B 57 -0.76 11.02 17.79
CA GLY B 57 0.65 11.42 17.68
C GLY B 57 1.07 11.70 16.25
N ARG B 58 2.39 11.81 16.04
CA ARG B 58 2.92 12.04 14.68
C ARG B 58 4.06 11.07 14.43
N THR B 59 4.32 10.76 13.17
CA THR B 59 5.47 9.89 12.85
C THR B 59 6.70 10.44 13.56
N SER B 60 7.54 9.55 14.06
CA SER B 60 8.73 9.95 14.77
C SER B 60 9.91 9.11 14.27
N ARG B 61 11.11 9.67 14.37
CA ARG B 61 12.34 8.97 14.04
C ARG B 61 12.98 8.44 15.33
N ALA B 62 13.57 7.26 15.23
CA ALA B 62 14.22 6.65 16.39
C ALA B 62 15.56 7.34 16.69
N THR B 63 16.29 6.81 17.68
CA THR B 63 17.49 7.48 18.17
C THR B 63 18.68 7.30 17.24
N GLY B 64 19.40 8.40 17.00
CA GLY B 64 20.51 8.43 16.07
C GLY B 64 20.25 8.05 14.62
N ILE B 65 19.14 8.52 14.05
CA ILE B 65 18.83 8.26 12.65
C ILE B 65 19.24 9.40 11.72
N PRO B 66 19.78 9.11 10.53
CA PRO B 66 20.01 10.18 9.56
C PRO B 66 18.71 10.74 8.98
N ASP B 67 18.73 12.04 8.67
CA ASP B 67 17.55 12.76 8.22
C ASP B 67 17.00 12.22 6.92
N ARG B 68 17.78 11.42 6.20
CA ARG B 68 17.33 10.92 4.91
C ARG B 68 16.22 9.88 5.04
N PHE B 69 15.84 9.46 6.25
CA PHE B 69 14.68 8.59 6.48
C PHE B 69 13.51 9.44 6.97
N SER B 70 12.46 9.53 6.17
CA SER B 70 11.32 10.35 6.53
C SER B 70 10.09 9.46 6.70
N GLY B 71 9.21 9.88 7.59
CA GLY B 71 7.94 9.23 7.78
C GLY B 71 6.82 10.05 7.17
N SER B 72 5.72 9.36 6.91
CA SER B 72 4.56 9.97 6.29
C SER B 72 3.46 8.92 6.22
N GLY B 73 2.23 9.36 6.44
CA GLY B 73 1.11 8.47 6.62
C GLY B 73 0.56 8.58 8.03
N SER B 74 -0.31 7.61 8.36
CA SER B 74 -1.06 7.68 9.61
C SER B 74 -1.19 6.36 10.36
N GLY B 75 -0.61 5.28 9.87
CA GLY B 75 -0.63 4.05 10.63
C GLY B 75 -1.48 2.97 10.03
N THR B 76 -2.34 3.32 9.08
CA THR B 76 -2.93 2.37 8.16
C THR B 76 -2.11 2.27 6.89
N ASP B 77 -1.46 3.38 6.53
CA ASP B 77 -0.38 3.38 5.56
C ASP B 77 0.76 4.24 6.12
N LEU B 78 1.91 3.61 6.32
CA LEU B 78 3.17 4.30 6.55
C LEU B 78 4.08 4.15 5.36
N THR B 79 4.75 5.25 5.03
CA THR B 79 5.71 5.31 3.95
C THR B 79 7.01 5.85 4.51
N LEU B 80 7.97 4.94 4.69
CA LEU B 80 9.38 5.28 4.75
C LEU B 80 9.85 5.70 3.37
N THR B 81 10.22 6.95 3.21
CA THR B 81 10.84 7.45 1.98
C THR B 81 12.25 7.92 2.30
N ILE B 82 13.21 7.03 2.03
CA ILE B 82 14.63 7.37 2.02
C ILE B 82 14.88 8.21 0.77
N SER B 83 15.19 9.51 0.96
CA SER B 83 15.19 10.48 -0.14
C SER B 83 16.37 10.35 -1.10
N ARG B 84 17.37 9.52 -0.77
CA ARG B 84 18.60 9.33 -1.58
C ARG B 84 19.33 8.09 -1.06
N LEU B 85 19.56 7.09 -1.90
CA LEU B 85 20.16 5.83 -1.42
C LEU B 85 21.66 5.98 -1.24
N GLU B 86 22.13 6.08 0.01
CA GLU B 86 23.54 5.90 0.30
C GLU B 86 23.90 4.44 0.03
N PRO B 87 25.14 4.13 -0.36
CA PRO B 87 25.48 2.74 -0.70
C PRO B 87 25.14 1.71 0.37
N GLU B 88 25.07 2.07 1.67
CA GLU B 88 24.70 1.10 2.70
C GLU B 88 23.19 0.99 2.95
N ASP B 89 22.38 1.87 2.36
CA ASP B 89 20.91 1.86 2.56
C ASP B 89 20.28 0.78 1.67
N PHE B 90 21.09 -0.13 1.15
CA PHE B 90 20.65 -1.23 0.31
C PHE B 90 20.49 -2.45 1.23
N ALA B 91 19.26 -2.70 1.67
CA ALA B 91 18.97 -3.75 2.66
C ALA B 91 17.56 -4.28 2.43
N VAL B 92 17.11 -5.21 3.27
CA VAL B 92 15.73 -5.68 3.28
C VAL B 92 14.99 -4.95 4.39
N TYR B 93 13.95 -4.21 4.06
CA TYR B 93 13.18 -3.42 5.02
C TYR B 93 11.90 -4.16 5.38
N TYR B 94 11.50 -4.08 6.64
CA TYR B 94 10.32 -4.78 7.13
C TYR B 94 9.45 -3.83 7.92
N CYS B 95 8.15 -3.98 7.81
CA CYS B 95 7.23 -3.33 8.72
C CYS B 95 6.53 -4.39 9.56
N ASN B 96 6.42 -4.08 10.84
CA ASN B 96 5.51 -4.76 11.74
C ASN B 96 4.54 -3.76 12.35
N ALA B 97 3.36 -4.26 12.65
CA ALA B 97 2.53 -3.71 13.72
C ALA B 97 2.79 -4.58 14.93
N GLU B 98 3.08 -3.95 16.05
CA GLU B 98 3.40 -4.68 17.26
C GLU B 98 2.38 -4.29 18.32
N SER B 99 1.81 -5.29 18.97
CA SER B 99 0.95 -4.97 20.09
C SER B 99 1.77 -4.22 21.12
N PRO B 100 1.18 -3.22 21.75
CA PRO B 100 1.90 -2.54 22.81
C PRO B 100 2.24 -3.44 23.97
N PHE B 101 1.53 -4.58 24.14
CA PHE B 101 1.67 -5.47 25.29
C PHE B 101 2.05 -6.88 24.90
N TYR B 102 2.51 -7.08 23.66
CA TYR B 102 3.13 -8.30 23.17
C TYR B 102 2.14 -9.45 22.98
N ASP B 103 0.85 -9.16 22.99
CA ASP B 103 -0.18 -10.18 22.85
C ASP B 103 -0.54 -10.47 21.39
N TYR B 104 -0.07 -9.65 20.44
CA TYR B 104 0.04 -10.06 19.04
C TYR B 104 1.23 -9.34 18.43
N ASP B 105 1.92 -10.03 17.53
CA ASP B 105 3.04 -9.42 16.82
C ASP B 105 2.96 -9.85 15.37
N TYR B 106 2.92 -8.87 14.46
CA TYR B 106 2.58 -9.11 13.07
C TYR B 106 3.63 -8.47 12.19
N TRP B 107 4.26 -9.26 11.35
CA TRP B 107 5.35 -8.80 10.50
C TRP B 107 5.04 -9.01 9.03
N GLY B 108 5.30 -7.97 8.23
CA GLY B 108 5.19 -8.08 6.80
C GLY B 108 6.21 -9.03 6.18
N LYS B 109 5.96 -9.42 4.94
CA LYS B 109 6.93 -10.19 4.19
C LYS B 109 8.32 -9.64 3.87
N GLY B 110 8.43 -8.34 3.69
CA GLY B 110 9.69 -7.69 3.42
C GLY B 110 9.62 -6.80 2.21
N THR B 111 10.80 -6.29 1.82
CA THR B 111 11.00 -5.49 0.61
C THR B 111 12.51 -5.38 0.44
N LYS B 112 13.04 -5.94 -0.65
CA LYS B 112 14.47 -5.88 -0.97
C LYS B 112 14.73 -4.64 -1.83
N VAL B 113 15.80 -3.89 -1.53
CA VAL B 113 16.17 -2.67 -2.27
C VAL B 113 17.63 -2.82 -2.68
N GLU B 114 17.88 -3.44 -3.86
CA GLU B 114 19.24 -3.80 -4.28
C GLU B 114 19.76 -2.90 -5.43
N ILE B 115 20.86 -3.34 -6.03
CA ILE B 115 21.45 -2.75 -7.23
C ILE B 115 21.29 -3.71 -8.40
#